data_7QCM
#
_entry.id   7QCM
#
_cell.length_a   83.065
_cell.length_b   83.065
_cell.length_c   134.064
_cell.angle_alpha   90.000
_cell.angle_beta   90.000
_cell.angle_gamma   120.000
#
_symmetry.space_group_name_H-M   'P 32 2 1'
#
loop_
_entity.id
_entity.type
_entity.pdbx_description
1 polymer 'Papain-like protease nsp3'
2 non-polymer N-(3-metoxy-4-hydroxy-acetophenone)thiosemicarbazone
3 non-polymer GLYCEROL
4 non-polymer 'ZINC ION'
5 non-polymer 'CHLORIDE ION'
6 non-polymer 'PHOSPHATE ION'
7 water water
#
_entity_poly.entity_id   1
_entity_poly.type   'polypeptide(L)'
_entity_poly.pdbx_seq_one_letter_code
;EVRTIKVFTTVDNINLHTQVVDMSMTYGQQFGPTYLDGADVTKIKPHNSHEGKTFYVLPNDDTLRVEAFEYYHTTDPSFL
GRYMSALNHTKKWKYPQVNGLTSIKWADNN(CSO)YLATALLTLQQIELKFNPPALQDAYYRARAGEAANFCALILAYCN
KTVGELGDVRETMSYLFQHANLDSCKRVLNVVCKTCGQQQTTLKGVEAVMYMGTLSYEQFKKGVQIPCTCGKQATKYLVQ
QESPFVMMSAPPAQYELKHGTFTCASEYTGNYQCGHYKHITSKETLYCIDGALLTKSSEYKGPITDVFYKENSYTTTIK
;
_entity_poly.pdbx_strand_id   A
#
loop_
_chem_comp.id
_chem_comp.type
_chem_comp.name
_chem_comp.formula
A3X non-polymer N-(3-metoxy-4-hydroxy-acetophenone)thiosemicarbazone 'C10 H13 N3 O2 S'
CL non-polymer 'CHLORIDE ION' 'Cl -1'
GOL non-polymer GLYCEROL 'C3 H8 O3'
PO4 non-polymer 'PHOSPHATE ION' 'O4 P -3'
ZN non-polymer 'ZINC ION' 'Zn 2'
#
# COMPACT_ATOMS: atom_id res chain seq x y z
N GLU A 1 22.17 43.77 13.48
CA GLU A 1 21.44 43.80 12.18
C GLU A 1 20.29 42.79 12.20
N VAL A 2 19.09 43.23 11.88
CA VAL A 2 17.93 42.35 11.72
C VAL A 2 17.93 41.84 10.29
N ARG A 3 17.97 40.52 10.14
CA ARG A 3 18.01 39.91 8.82
C ARG A 3 16.83 38.95 8.67
N THR A 4 16.19 38.99 7.52
CA THR A 4 15.04 38.14 7.25
C THR A 4 15.16 37.63 5.83
N ILE A 5 14.50 36.49 5.59
CA ILE A 5 14.26 35.98 4.25
C ILE A 5 12.77 35.65 4.13
N LYS A 6 12.30 35.58 2.90
CA LYS A 6 10.96 35.09 2.59
C LYS A 6 11.06 33.60 2.30
N VAL A 7 10.19 32.81 2.93
CA VAL A 7 9.98 31.40 2.63
C VAL A 7 8.48 31.17 2.53
N PHE A 8 8.13 29.98 2.06
CA PHE A 8 6.75 29.51 2.03
C PHE A 8 6.61 28.29 2.93
N THR A 9 5.51 28.29 3.67
CA THR A 9 5.10 27.09 4.36
C THR A 9 3.92 26.42 3.65
N THR A 10 3.76 25.14 3.97
CA THR A 10 2.77 24.30 3.33
C THR A 10 2.51 23.07 4.16
N VAL A 11 1.35 22.46 3.93
CA VAL A 11 1.10 21.10 4.37
C VAL A 11 0.87 20.13 3.23
N ASP A 12 0.62 20.63 2.01
CA ASP A 12 0.36 19.77 0.85
C ASP A 12 1.22 20.02 -0.36
N ASN A 13 2.22 20.87 -0.22
CA ASN A 13 3.16 21.21 -1.26
C ASN A 13 2.51 21.77 -2.53
N ILE A 14 1.24 22.20 -2.41
CA ILE A 14 0.53 22.91 -3.48
C ILE A 14 0.14 24.33 -3.02
N ASN A 15 -0.63 24.41 -1.96
CA ASN A 15 -1.01 25.70 -1.37
C ASN A 15 0.14 26.20 -0.52
N LEU A 16 0.66 27.36 -0.91
CA LEU A 16 1.77 28.02 -0.25
C LEU A 16 1.30 29.17 0.61
N HIS A 17 2.05 29.38 1.69
CA HIS A 17 1.74 30.43 2.63
C HIS A 17 3.00 31.26 2.86
N THR A 18 2.95 32.55 2.49
CA THR A 18 4.09 33.45 2.58
C THR A 18 4.48 33.65 4.03
N GLN A 19 5.78 33.57 4.32
CA GLN A 19 6.28 33.89 5.64
C GLN A 19 7.55 34.73 5.51
N VAL A 20 7.77 35.57 6.49
CA VAL A 20 9.06 36.22 6.69
C VAL A 20 9.68 35.68 7.98
N VAL A 21 10.89 35.12 7.89
CA VAL A 21 11.54 34.49 9.05
C VAL A 21 12.77 35.30 9.46
N ASP A 22 12.98 35.42 10.77
CA ASP A 22 14.18 36.02 11.33
C ASP A 22 15.33 35.05 11.24
N MET A 23 16.44 35.49 10.65
CA MET A 23 17.53 34.55 10.45
C MET A 23 18.27 34.22 11.74
N SER A 24 18.00 34.96 12.82
CA SER A 24 18.61 34.74 14.11
C SER A 24 17.84 33.73 14.96
N MET A 25 16.70 33.25 14.47
CA MET A 25 15.92 32.25 15.20
C MET A 25 15.76 31.00 14.37
N THR A 26 15.68 29.86 15.05
CA THR A 26 15.46 28.60 14.36
C THR A 26 14.06 28.58 13.73
N TYR A 27 13.88 27.67 12.77
CA TYR A 27 12.55 27.44 12.21
C TYR A 27 11.59 27.00 13.30
N GLY A 28 12.08 26.17 14.23
CA GLY A 28 11.24 25.67 15.31
C GLY A 28 10.66 26.79 16.13
N GLN A 29 11.48 27.78 16.48
CA GLN A 29 10.99 28.88 17.30
C GLN A 29 9.93 29.69 16.58
N GLN A 30 9.87 29.60 15.27
CA GLN A 30 9.00 30.44 14.47
C GLN A 30 7.79 29.72 13.92
N PHE A 31 7.92 28.43 13.55
CA PHE A 31 6.86 27.66 12.93
C PHE A 31 6.41 26.44 13.72
N GLY A 32 7.15 26.05 14.76
CA GLY A 32 7.06 24.69 15.20
C GLY A 32 7.84 23.73 14.34
N PRO A 33 7.53 22.43 14.41
CA PRO A 33 8.31 21.46 13.62
C PRO A 33 8.26 21.82 12.14
N THR A 34 9.44 21.86 11.52
CA THR A 34 9.58 22.31 10.13
C THR A 34 10.49 21.36 9.38
N TYR A 35 10.16 21.10 8.11
CA TYR A 35 10.86 20.13 7.29
C TYR A 35 11.10 20.74 5.92
N LEU A 36 12.26 20.44 5.37
CA LEU A 36 12.61 20.81 4.01
C LEU A 36 12.87 19.55 3.18
N ASP A 37 11.98 19.27 2.27
CA ASP A 37 12.02 18.04 1.49
C ASP A 37 12.37 16.81 2.33
N GLY A 38 11.72 16.71 3.48
CA GLY A 38 11.78 15.59 4.37
C GLY A 38 12.77 15.75 5.51
N ALA A 39 13.76 16.62 5.35
CA ALA A 39 14.77 16.86 6.37
C ALA A 39 14.19 17.75 7.46
N ASP A 40 14.47 17.35 8.70
CA ASP A 40 13.96 18.07 9.85
C ASP A 40 14.85 19.28 10.08
N VAL A 41 14.35 20.50 9.80
CA VAL A 41 15.12 21.73 10.02
C VAL A 41 14.61 22.52 11.24
N THR A 42 13.88 21.88 12.14
CA THR A 42 13.34 22.57 13.31
C THR A 42 14.42 23.26 14.13
N LYS A 43 15.57 22.63 14.28
CA LYS A 43 16.60 23.17 15.13
C LYS A 43 17.61 24.01 14.35
N ILE A 44 17.35 24.30 13.09
CA ILE A 44 18.29 24.96 12.19
C ILE A 44 17.81 26.40 12.01
N LYS A 45 18.77 27.34 11.93
CA LYS A 45 18.44 28.72 11.60
C LYS A 45 18.37 28.95 10.09
N PRO A 46 17.53 29.88 9.62
CA PRO A 46 17.43 30.09 8.17
C PRO A 46 18.78 30.41 7.53
N HIS A 47 19.02 29.82 6.37
CA HIS A 47 20.17 30.12 5.52
C HIS A 47 19.75 30.96 4.31
N ASN A 48 20.71 31.66 3.75
CA ASN A 48 20.41 32.48 2.58
C ASN A 48 19.87 31.62 1.44
N SER A 49 20.36 30.40 1.30
CA SER A 49 19.89 29.54 0.23
C SER A 49 18.43 29.13 0.42
N HIS A 50 17.86 29.39 1.58
CA HIS A 50 16.48 28.98 1.83
C HIS A 50 15.46 29.96 1.24
N GLU A 51 15.89 31.15 0.85
CA GLU A 51 14.92 32.14 0.40
C GLU A 51 14.09 31.64 -0.77
N GLY A 52 12.76 31.78 -0.70
CA GLY A 52 11.90 31.30 -1.75
C GLY A 52 11.56 29.84 -1.71
N LYS A 53 12.14 29.06 -0.80
CA LYS A 53 11.86 27.63 -0.76
C LYS A 53 10.63 27.36 0.09
N THR A 54 10.08 26.17 -0.14
CA THR A 54 8.90 25.65 0.56
C THR A 54 9.32 24.71 1.66
N PHE A 55 8.76 24.96 2.84
CA PHE A 55 8.93 24.13 4.02
C PHE A 55 7.59 23.56 4.43
N TYR A 56 7.60 22.30 4.84
CA TYR A 56 6.43 21.65 5.44
C TYR A 56 6.38 21.98 6.93
N VAL A 57 5.17 22.25 7.42
CA VAL A 57 4.95 22.54 8.82
C VAL A 57 3.77 21.68 9.26
N LEU A 58 3.53 21.67 10.53
CA LEU A 58 2.35 20.94 11.03
C LEU A 58 1.10 21.83 11.01
N PRO A 59 -0.07 21.23 10.88
CA PRO A 59 -1.28 22.06 10.78
C PRO A 59 -1.61 22.65 12.12
N ASN A 60 -1.27 23.92 12.33
CA ASN A 60 -1.35 24.58 13.62
C ASN A 60 -2.35 25.73 13.60
N ASP A 61 -3.09 25.92 12.50
CA ASP A 61 -4.19 26.88 12.41
C ASP A 61 -5.27 26.27 11.54
N ASP A 62 -6.47 26.85 11.56
CA ASP A 62 -7.60 26.18 10.91
C ASP A 62 -7.41 26.06 9.40
N THR A 63 -6.74 27.02 8.78
CA THR A 63 -6.51 26.94 7.34
C THR A 63 -5.66 25.74 6.98
N LEU A 64 -4.57 25.52 7.71
CA LEU A 64 -3.72 24.36 7.43
C LEU A 64 -4.41 23.06 7.79
N ARG A 65 -5.22 23.06 8.85
CA ARG A 65 -5.98 21.86 9.21
C ARG A 65 -6.91 21.42 8.07
N VAL A 66 -7.65 22.37 7.50
CA VAL A 66 -8.52 22.04 6.38
C VAL A 66 -7.70 21.59 5.16
N GLU A 67 -6.61 22.29 4.83
CA GLU A 67 -5.81 21.87 3.68
C GLU A 67 -5.24 20.47 3.92
N ALA A 68 -4.74 20.20 5.12
CA ALA A 68 -4.16 18.89 5.38
C ALA A 68 -5.21 17.78 5.29
N PHE A 69 -6.38 17.97 5.89
CA PHE A 69 -7.35 16.89 5.80
C PHE A 69 -7.81 16.67 4.36
N GLU A 70 -8.06 17.75 3.63
CA GLU A 70 -8.51 17.59 2.25
C GLU A 70 -7.49 16.83 1.42
N TYR A 71 -6.21 17.03 1.69
CA TYR A 71 -5.19 16.41 0.86
C TYR A 71 -4.95 14.97 1.29
N TYR A 72 -4.87 14.73 2.62
CA TYR A 72 -4.47 13.40 3.12
C TYR A 72 -5.59 12.51 3.67
N HIS A 73 -6.73 13.08 4.00
CA HIS A 73 -7.86 12.37 4.58
C HIS A 73 -7.50 11.67 5.90
N THR A 74 -6.67 12.33 6.70
CA THR A 74 -6.34 11.92 8.05
C THR A 74 -6.22 13.17 8.93
N THR A 75 -6.57 12.98 10.21
CA THR A 75 -6.31 13.97 11.25
C THR A 75 -5.37 13.42 12.35
N ASP A 76 -4.62 12.37 12.05
CA ASP A 76 -3.66 11.86 13.02
C ASP A 76 -2.59 12.89 13.27
N PRO A 77 -2.43 13.38 14.50
CA PRO A 77 -1.51 14.53 14.70
C PRO A 77 -0.07 14.25 14.27
N SER A 78 0.35 13.00 14.33
CA SER A 78 1.73 12.67 13.99
C SER A 78 1.93 12.28 12.52
N PHE A 79 0.91 12.39 11.67
CA PHE A 79 1.03 11.92 10.29
C PHE A 79 2.12 12.66 9.52
N LEU A 80 2.10 13.98 9.56
CA LEU A 80 2.99 14.71 8.66
C LEU A 80 4.44 14.49 9.07
N GLY A 81 4.69 14.44 10.37
CA GLY A 81 6.04 14.15 10.83
C GLY A 81 6.51 12.75 10.42
N ARG A 82 5.63 11.79 10.45
CA ARG A 82 5.96 10.41 10.00
C ARG A 82 6.18 10.42 8.49
N TYR A 83 5.39 11.16 7.75
CA TYR A 83 5.54 11.21 6.31
C TYR A 83 6.88 11.84 5.93
N MET A 84 7.21 12.98 6.57
CA MET A 84 8.52 13.61 6.34
C MET A 84 9.65 12.70 6.74
N SER A 85 9.59 12.06 7.92
CA SER A 85 10.66 11.18 8.37
C SER A 85 10.92 10.05 7.37
N ALA A 86 9.86 9.44 6.87
CA ALA A 86 9.98 8.41 5.84
C ALA A 86 10.56 8.98 4.56
N LEU A 87 10.05 10.14 4.13
CA LEU A 87 10.44 10.70 2.84
C LEU A 87 11.92 10.96 2.81
N ASN A 88 12.46 11.36 3.96
CA ASN A 88 13.86 11.69 4.00
C ASN A 88 14.69 10.49 3.62
N HIS A 89 14.17 9.28 3.84
CA HIS A 89 14.83 8.03 3.45
C HIS A 89 14.40 7.59 2.05
N THR A 90 13.09 7.61 1.75
CA THR A 90 12.67 7.04 0.48
C THR A 90 13.18 7.86 -0.68
N LYS A 91 13.44 9.16 -0.47
CA LYS A 91 13.94 9.94 -1.59
C LYS A 91 15.35 9.49 -2.00
N LYS A 92 16.01 8.72 -1.16
CA LYS A 92 17.31 8.15 -1.45
C LYS A 92 17.24 6.74 -2.00
N TRP A 93 16.11 6.09 -2.02
CA TRP A 93 15.97 4.77 -2.63
C TRP A 93 16.03 4.92 -4.14
N LYS A 94 16.28 3.80 -4.83
CA LYS A 94 16.28 3.73 -6.27
C LYS A 94 15.03 2.96 -6.70
N TYR A 95 14.48 3.39 -7.83
CA TYR A 95 13.20 2.91 -8.36
C TYR A 95 13.39 2.44 -9.81
N PRO A 96 14.04 1.30 -9.99
CA PRO A 96 14.29 0.85 -11.36
C PRO A 96 12.98 0.46 -12.02
N GLN A 97 12.96 0.54 -13.34
CA GLN A 97 11.88 -0.02 -14.15
C GLN A 97 12.25 -1.47 -14.47
N VAL A 98 11.40 -2.39 -14.02
CA VAL A 98 11.66 -3.83 -14.19
C VAL A 98 10.48 -4.41 -14.95
N ASN A 99 10.76 -4.98 -16.11
CA ASN A 99 9.72 -5.49 -17.01
C ASN A 99 8.57 -4.51 -17.16
N GLY A 100 8.88 -3.24 -17.22
CA GLY A 100 7.89 -2.22 -17.52
C GLY A 100 7.19 -1.62 -16.35
N LEU A 101 7.52 -2.05 -15.15
CA LEU A 101 6.90 -1.61 -13.92
C LEU A 101 7.90 -0.91 -13.02
N THR A 102 7.43 0.10 -12.27
CA THR A 102 8.26 0.70 -11.24
C THR A 102 8.42 -0.29 -10.08
N SER A 103 9.67 -0.65 -9.77
CA SER A 103 10.05 -1.46 -8.63
C SER A 103 10.86 -0.58 -7.67
N ILE A 104 11.45 -1.22 -6.67
CA ILE A 104 12.28 -0.55 -5.67
C ILE A 104 13.47 -1.43 -5.40
N LYS A 105 14.67 -0.84 -5.50
CA LYS A 105 15.91 -1.53 -5.16
C LYS A 105 15.91 -1.79 -3.67
N TRP A 106 16.32 -3.00 -3.31
CA TRP A 106 16.20 -3.42 -1.92
C TRP A 106 16.97 -2.46 -1.01
N ALA A 107 16.31 -2.04 0.09
CA ALA A 107 16.91 -1.28 1.18
C ALA A 107 15.96 -1.28 2.37
N ASP A 108 16.49 -1.27 3.59
CA ASP A 108 15.65 -0.92 4.75
C ASP A 108 14.41 -1.82 4.86
N ASN A 109 14.56 -3.11 4.60
CA ASN A 109 13.44 -4.07 4.65
C ASN A 109 12.25 -3.65 3.80
N ASN A 110 12.48 -3.08 2.62
CA ASN A 110 11.40 -2.53 1.87
C ASN A 110 10.80 -3.50 0.86
N CSO A 111 11.13 -4.79 1.00
CA CSO A 111 10.64 -5.74 0.00
CB CSO A 111 11.18 -7.17 0.24
SG CSO A 111 10.88 -7.68 1.99
C CSO A 111 9.12 -5.75 -0.02
O CSO A 111 8.56 -5.96 -1.11
OD CSO A 111 12.44 -7.39 2.92
N TYR A 112 8.47 -5.60 1.14
CA TYR A 112 7.00 -5.68 1.16
C TYR A 112 6.43 -4.50 0.37
N LEU A 113 7.09 -3.36 0.46
CA LEU A 113 6.64 -2.21 -0.32
C LEU A 113 6.84 -2.41 -1.82
N ALA A 114 7.98 -3.01 -2.22
CA ALA A 114 8.17 -3.24 -3.64
C ALA A 114 7.09 -4.15 -4.20
N THR A 115 6.77 -5.24 -3.49
N THR A 115 6.79 -5.25 -3.51
CA THR A 115 5.77 -6.13 -4.08
CA THR A 115 5.77 -6.14 -4.07
C THR A 115 4.38 -5.50 -4.04
C THR A 115 4.40 -5.47 -4.07
N ALA A 116 4.08 -4.66 -3.03
CA ALA A 116 2.83 -3.92 -3.04
C ALA A 116 2.75 -2.93 -4.20
N LEU A 117 3.84 -2.22 -4.45
CA LEU A 117 3.85 -1.26 -5.55
C LEU A 117 3.72 -1.96 -6.89
N LEU A 118 4.45 -3.06 -7.05
CA LEU A 118 4.33 -3.80 -8.30
C LEU A 118 2.92 -4.32 -8.49
N THR A 119 2.27 -4.72 -7.41
CA THR A 119 0.91 -5.26 -7.52
C THR A 119 -0.06 -4.17 -7.95
N LEU A 120 0.04 -3.00 -7.32
CA LEU A 120 -0.86 -1.91 -7.65
C LEU A 120 -0.86 -1.59 -9.13
N GLN A 121 0.32 -1.62 -9.75
CA GLN A 121 0.42 -1.36 -11.18
C GLN A 121 -0.22 -2.44 -12.06
N GLN A 122 -0.75 -3.50 -11.50
CA GLN A 122 -1.35 -4.57 -12.28
C GLN A 122 -2.83 -4.75 -11.97
N ILE A 123 -3.41 -3.95 -11.07
CA ILE A 123 -4.83 -4.11 -10.74
C ILE A 123 -5.49 -2.75 -10.91
N GLU A 124 -6.78 -2.77 -11.19
CA GLU A 124 -7.51 -1.54 -11.38
C GLU A 124 -7.94 -0.99 -10.01
N LEU A 125 -7.41 0.19 -9.65
CA LEU A 125 -7.65 0.75 -8.32
C LEU A 125 -7.44 2.26 -8.40
N LYS A 126 -8.37 3.04 -7.85
CA LYS A 126 -8.23 4.50 -7.78
C LYS A 126 -8.26 4.93 -6.32
N PHE A 127 -7.29 5.73 -5.93
CA PHE A 127 -7.22 6.25 -4.57
C PHE A 127 -8.10 7.47 -4.37
N ASN A 128 -8.58 7.62 -3.14
CA ASN A 128 -9.41 8.75 -2.82
C ASN A 128 -8.66 10.00 -2.34
N PRO A 129 -7.76 9.91 -1.37
CA PRO A 129 -6.97 11.10 -1.00
C PRO A 129 -6.14 11.65 -2.14
N PRO A 130 -6.24 12.95 -2.40
CA PRO A 130 -5.39 13.58 -3.43
C PRO A 130 -3.93 13.27 -3.26
N ALA A 131 -3.49 13.13 -2.02
CA ALA A 131 -2.06 12.88 -1.78
C ALA A 131 -1.64 11.58 -2.46
N LEU A 132 -2.47 10.56 -2.32
CA LEU A 132 -2.18 9.25 -2.91
C LEU A 132 -2.39 9.30 -4.41
N GLN A 133 -3.43 10.02 -4.86
CA GLN A 133 -3.64 10.15 -6.30
C GLN A 133 -2.40 10.72 -6.97
N ASP A 134 -1.92 11.86 -6.45
CA ASP A 134 -0.76 12.57 -7.00
C ASP A 134 0.52 11.74 -6.89
N ALA A 135 0.76 11.15 -5.72
CA ALA A 135 2.02 10.42 -5.55
C ALA A 135 2.03 9.10 -6.34
N TYR A 136 0.87 8.51 -6.56
CA TYR A 136 0.81 7.23 -7.29
C TYR A 136 1.04 7.51 -8.76
N TYR A 137 0.53 8.63 -9.23
CA TYR A 137 0.77 9.04 -10.60
C TYR A 137 2.26 9.21 -10.84
N ARG A 138 2.95 9.83 -9.89
CA ARG A 138 4.39 10.00 -10.01
C ARG A 138 5.12 8.66 -9.92
N ALA A 139 4.65 7.80 -9.02
CA ALA A 139 5.27 6.47 -8.86
C ALA A 139 5.19 5.65 -10.13
N ARG A 140 4.04 5.67 -10.81
CA ARG A 140 3.90 4.97 -12.06
C ARG A 140 4.88 5.47 -13.09
N ALA A 141 5.18 6.76 -13.06
CA ALA A 141 6.14 7.36 -13.96
C ALA A 141 7.57 7.13 -13.54
N GLY A 142 7.79 6.55 -12.38
CA GLY A 142 9.12 6.18 -11.93
C GLY A 142 9.59 6.90 -10.70
N GLU A 143 8.92 7.96 -10.26
CA GLU A 143 9.38 8.74 -9.12
C GLU A 143 8.49 8.42 -7.93
N ALA A 144 8.81 7.30 -7.26
CA ALA A 144 7.94 6.70 -6.28
C ALA A 144 8.25 7.12 -4.88
N ALA A 145 9.18 8.05 -4.65
CA ALA A 145 9.61 8.31 -3.27
C ALA A 145 8.46 8.82 -2.39
N ASN A 146 7.69 9.77 -2.90
CA ASN A 146 6.59 10.29 -2.12
C ASN A 146 5.52 9.24 -1.88
N PHE A 147 5.18 8.43 -2.89
CA PHE A 147 4.21 7.33 -2.71
C PHE A 147 4.66 6.35 -1.64
N CYS A 148 5.95 5.94 -1.65
CA CYS A 148 6.42 5.01 -0.63
C CYS A 148 6.38 5.63 0.73
N ALA A 149 6.76 6.91 0.86
CA ALA A 149 6.71 7.51 2.18
C ALA A 149 5.27 7.65 2.70
N LEU A 150 4.34 7.88 1.79
CA LEU A 150 2.95 7.95 2.20
C LEU A 150 2.43 6.59 2.64
N ILE A 151 2.80 5.52 1.92
CA ILE A 151 2.37 4.19 2.37
C ILE A 151 2.85 3.94 3.78
N LEU A 152 4.12 4.20 4.04
CA LEU A 152 4.66 4.02 5.36
C LEU A 152 3.82 4.82 6.36
N ALA A 153 3.54 6.10 6.05
CA ALA A 153 2.82 6.94 7.01
C ALA A 153 1.41 6.42 7.26
N TYR A 154 0.70 6.10 6.17
CA TYR A 154 -0.67 5.60 6.32
C TYR A 154 -0.70 4.26 7.06
N CYS A 155 0.29 3.43 6.88
CA CYS A 155 0.31 2.12 7.58
C CYS A 155 0.98 2.22 8.94
N ASN A 156 1.41 3.37 9.34
CA ASN A 156 2.11 3.51 10.61
C ASN A 156 3.30 2.58 10.75
N LYS A 157 4.07 2.47 9.68
CA LYS A 157 5.36 1.79 9.67
C LYS A 157 6.48 2.81 9.48
N THR A 158 7.62 2.58 10.11
CA THR A 158 8.80 3.39 9.88
C THR A 158 9.71 2.64 8.91
N VAL A 159 10.53 3.41 8.22
CA VAL A 159 11.57 2.84 7.37
C VAL A 159 12.37 1.84 8.17
N GLY A 160 12.50 0.63 7.62
CA GLY A 160 13.28 -0.42 8.24
C GLY A 160 12.47 -1.44 9.00
N GLU A 161 11.23 -1.13 9.30
CA GLU A 161 10.33 -2.01 10.04
C GLU A 161 9.80 -3.07 9.10
N LEU A 162 9.68 -4.29 9.64
CA LEU A 162 9.14 -5.42 8.89
C LEU A 162 7.68 -5.19 8.61
N GLY A 163 7.31 -5.35 7.34
CA GLY A 163 5.92 -5.13 6.97
C GLY A 163 5.24 -6.39 6.45
N ASP A 164 3.92 -6.47 6.44
CA ASP A 164 3.15 -7.58 5.87
C ASP A 164 2.44 -7.04 4.62
N VAL A 165 2.49 -7.79 3.51
CA VAL A 165 1.88 -7.30 2.27
C VAL A 165 0.34 -7.22 2.40
N ARG A 166 -0.28 -8.25 2.97
CA ARG A 166 -1.73 -8.26 3.08
C ARG A 166 -2.22 -7.06 3.92
N GLU A 167 -1.55 -6.80 5.05
CA GLU A 167 -1.94 -5.66 5.88
C GLU A 167 -1.76 -4.36 5.13
N THR A 168 -0.65 -4.23 4.41
CA THR A 168 -0.38 -3.02 3.65
C THR A 168 -1.44 -2.82 2.58
N MET A 169 -1.81 -3.88 1.85
CA MET A 169 -2.86 -3.69 0.85
C MET A 169 -4.20 -3.31 1.50
N SER A 170 -4.51 -3.88 2.66
CA SER A 170 -5.73 -3.50 3.35
C SER A 170 -5.78 -2.00 3.63
N TYR A 171 -4.65 -1.42 4.07
CA TYR A 171 -4.61 0.02 4.35
C TYR A 171 -4.80 0.81 3.09
N LEU A 172 -4.16 0.40 2.02
CA LEU A 172 -4.32 1.14 0.78
C LEU A 172 -5.71 1.00 0.20
N PHE A 173 -6.31 -0.20 0.29
CA PHE A 173 -7.69 -0.41 -0.14
C PHE A 173 -8.64 0.45 0.65
N GLN A 174 -8.37 0.62 1.95
CA GLN A 174 -9.23 1.49 2.76
C GLN A 174 -9.31 2.91 2.19
N HIS A 175 -8.24 3.37 1.56
CA HIS A 175 -8.20 4.70 0.95
C HIS A 175 -8.44 4.67 -0.54
N ALA A 176 -9.14 3.65 -1.04
CA ALA A 176 -9.47 3.52 -2.45
C ALA A 176 -10.97 3.49 -2.61
N ASN A 177 -11.42 3.78 -3.81
CA ASN A 177 -12.84 3.67 -4.08
C ASN A 177 -13.14 2.23 -4.50
N LEU A 178 -13.66 1.45 -3.57
CA LEU A 178 -14.12 0.07 -3.81
C LEU A 178 -15.60 -0.03 -3.50
N ASP A 179 -16.31 1.09 -3.51
CA ASP A 179 -17.71 1.05 -3.09
C ASP A 179 -18.55 0.16 -4.01
N SER A 180 -18.19 0.05 -5.30
CA SER A 180 -18.93 -0.84 -6.22
C SER A 180 -18.70 -2.34 -5.94
N CYS A 181 -17.71 -2.73 -5.17
CA CYS A 181 -17.40 -4.16 -5.06
C CYS A 181 -18.31 -4.90 -4.10
N LYS A 182 -18.76 -6.08 -4.52
CA LYS A 182 -19.72 -6.82 -3.72
C LYS A 182 -19.39 -8.29 -3.79
N ARG A 183 -19.58 -8.98 -2.68
CA ARG A 183 -19.31 -10.41 -2.59
C ARG A 183 -20.44 -11.07 -1.82
N VAL A 184 -20.98 -12.16 -2.34
CA VAL A 184 -21.97 -13.00 -1.67
C VAL A 184 -21.35 -14.37 -1.40
N LEU A 185 -21.48 -14.82 -0.16
CA LEU A 185 -20.96 -16.12 0.26
C LEU A 185 -22.08 -16.94 0.89
N ASN A 186 -21.92 -18.26 0.84
CA ASN A 186 -22.85 -19.19 1.45
C ASN A 186 -22.08 -20.15 2.33
N VAL A 187 -22.53 -20.32 3.57
CA VAL A 187 -21.88 -21.15 4.58
C VAL A 187 -22.83 -22.30 4.88
N VAL A 188 -22.33 -23.53 4.77
CA VAL A 188 -23.14 -24.73 4.88
C VAL A 188 -22.60 -25.63 5.98
N CYS A 189 -23.41 -25.84 7.03
CA CYS A 189 -23.12 -26.81 8.07
C CYS A 189 -24.24 -27.85 8.07
N LYS A 190 -23.86 -29.10 8.26
CA LYS A 190 -24.85 -30.17 8.20
C LYS A 190 -25.83 -30.16 9.38
N THR A 191 -25.39 -29.62 10.52
CA THR A 191 -26.22 -29.55 11.72
C THR A 191 -27.01 -28.24 11.81
N CYS A 192 -26.47 -27.13 11.31
CA CYS A 192 -27.15 -25.84 11.39
C CYS A 192 -27.73 -25.36 10.06
N GLY A 193 -27.46 -26.05 8.96
CA GLY A 193 -28.07 -25.70 7.69
C GLY A 193 -27.21 -24.74 6.93
N GLN A 194 -27.81 -23.65 6.44
CA GLN A 194 -27.16 -22.67 5.58
C GLN A 194 -27.21 -21.28 6.20
N GLN A 195 -26.27 -20.43 5.78
CA GLN A 195 -26.31 -19.01 6.09
C GLN A 195 -25.50 -18.29 5.02
N GLN A 196 -26.13 -17.37 4.31
CA GLN A 196 -25.49 -16.56 3.28
C GLN A 196 -25.13 -15.18 3.85
N THR A 197 -24.03 -14.62 3.33
CA THR A 197 -23.54 -13.34 3.79
C THR A 197 -23.18 -12.50 2.57
N THR A 198 -23.33 -11.19 2.70
CA THR A 198 -22.90 -10.23 1.68
C THR A 198 -21.83 -9.32 2.26
N LEU A 199 -20.73 -9.11 1.51
CA LEU A 199 -19.60 -8.29 1.90
C LEU A 199 -19.48 -7.18 0.88
N LYS A 200 -18.98 -6.02 1.32
CA LYS A 200 -18.86 -4.83 0.49
C LYS A 200 -17.51 -4.18 0.67
N GLY A 201 -17.09 -3.46 -0.36
CA GLY A 201 -15.88 -2.67 -0.24
C GLY A 201 -14.64 -3.55 -0.10
N VAL A 202 -13.77 -3.18 0.86
CA VAL A 202 -12.50 -3.90 1.03
C VAL A 202 -12.76 -5.36 1.33
N GLU A 203 -13.75 -5.64 2.18
CA GLU A 203 -14.04 -7.00 2.59
C GLU A 203 -14.56 -7.82 1.41
N ALA A 204 -15.10 -7.20 0.36
CA ALA A 204 -15.53 -7.97 -0.81
C ALA A 204 -14.38 -8.40 -1.74
N VAL A 205 -13.19 -7.83 -1.63
CA VAL A 205 -12.06 -8.22 -2.51
C VAL A 205 -10.95 -8.96 -1.80
N MET A 206 -10.96 -9.05 -0.49
CA MET A 206 -9.94 -9.75 0.27
C MET A 206 -10.50 -10.98 0.92
N TYR A 207 -9.74 -12.06 0.91
CA TYR A 207 -10.11 -13.28 1.63
C TYR A 207 -8.86 -13.91 2.24
N MET A 208 -8.98 -14.39 3.46
CA MET A 208 -7.84 -15.02 4.16
C MET A 208 -8.17 -16.49 4.47
N GLY A 209 -7.42 -17.41 3.93
CA GLY A 209 -7.66 -18.79 4.24
C GLY A 209 -7.27 -19.71 3.11
N THR A 210 -7.36 -19.21 1.87
CA THR A 210 -6.95 -20.02 0.73
C THR A 210 -6.39 -19.14 -0.36
N LEU A 211 -5.40 -19.66 -1.11
CA LEU A 211 -4.79 -18.87 -2.17
C LEU A 211 -5.53 -19.01 -3.50
N SER A 212 -6.30 -20.08 -3.63
CA SER A 212 -6.87 -20.48 -4.92
C SER A 212 -8.26 -19.90 -5.08
N TYR A 213 -8.46 -19.07 -6.12
CA TYR A 213 -9.78 -18.53 -6.46
C TYR A 213 -10.73 -19.65 -6.86
N GLU A 214 -10.23 -20.65 -7.59
CA GLU A 214 -11.11 -21.75 -7.98
C GLU A 214 -11.62 -22.52 -6.77
N GLN A 215 -10.77 -22.78 -5.79
CA GLN A 215 -11.24 -23.53 -4.63
C GLN A 215 -12.24 -22.71 -3.83
N PHE A 216 -12.00 -21.39 -3.70
CA PHE A 216 -12.99 -20.52 -3.07
C PHE A 216 -14.35 -20.68 -3.74
N LYS A 217 -14.36 -20.88 -5.06
CA LYS A 217 -15.62 -21.03 -5.78
C LYS A 217 -16.25 -22.40 -5.53
N LYS A 218 -15.42 -23.41 -5.23
CA LYS A 218 -15.92 -24.77 -5.04
C LYS A 218 -16.25 -25.08 -3.59
N GLY A 219 -15.58 -24.40 -2.64
CA GLY A 219 -15.88 -24.57 -1.24
C GLY A 219 -14.66 -24.79 -0.39
N VAL A 220 -14.64 -24.22 0.80
CA VAL A 220 -13.55 -24.38 1.76
C VAL A 220 -14.12 -24.68 3.13
N GLN A 221 -13.38 -25.47 3.91
CA GLN A 221 -13.87 -25.95 5.19
C GLN A 221 -13.47 -25.01 6.30
N ILE A 222 -14.44 -24.63 7.13
CA ILE A 222 -14.18 -23.77 8.27
C ILE A 222 -14.91 -24.32 9.49
N PRO A 223 -14.46 -23.96 10.68
CA PRO A 223 -15.18 -24.37 11.89
C PRO A 223 -16.56 -23.70 11.98
N CYS A 224 -17.47 -24.39 12.65
CA CYS A 224 -18.78 -23.85 12.99
C CYS A 224 -18.95 -23.86 14.50
N THR A 225 -19.98 -23.16 14.98
CA THR A 225 -20.15 -23.00 16.42
C THR A 225 -20.55 -24.29 17.13
N CYS A 226 -20.97 -25.33 16.41
CA CYS A 226 -21.32 -26.60 17.05
C CYS A 226 -20.14 -27.58 17.12
N GLY A 227 -18.97 -27.19 16.59
CA GLY A 227 -17.82 -28.05 16.51
C GLY A 227 -17.70 -28.85 15.23
N LYS A 228 -18.75 -28.85 14.39
CA LYS A 228 -18.65 -29.45 13.06
C LYS A 228 -17.88 -28.51 12.12
N GLN A 229 -17.44 -29.09 11.00
CA GLN A 229 -16.79 -28.32 9.95
C GLN A 229 -17.82 -28.02 8.86
N ALA A 230 -18.01 -26.72 8.60
CA ALA A 230 -18.91 -26.23 7.57
C ALA A 230 -18.12 -25.93 6.30
N THR A 231 -18.85 -25.77 5.19
CA THR A 231 -18.28 -25.37 3.91
C THR A 231 -18.74 -23.98 3.50
N LYS A 232 -17.79 -23.18 2.98
CA LYS A 232 -18.06 -21.82 2.52
C LYS A 232 -17.62 -21.73 1.06
N TYR A 233 -18.52 -21.27 0.19
CA TYR A 233 -18.17 -21.07 -1.20
C TYR A 233 -18.70 -19.74 -1.69
N LEU A 234 -18.21 -19.31 -2.85
CA LEU A 234 -18.47 -17.98 -3.40
C LEU A 234 -19.70 -18.02 -4.28
N VAL A 235 -20.70 -17.22 -3.92
CA VAL A 235 -21.95 -17.21 -4.66
C VAL A 235 -21.91 -16.18 -5.78
N GLN A 236 -21.45 -14.96 -5.49
CA GLN A 236 -21.42 -13.89 -6.48
C GLN A 236 -20.27 -12.94 -6.17
N GLN A 237 -19.65 -12.40 -7.22
CA GLN A 237 -18.51 -11.49 -7.11
C GLN A 237 -18.60 -10.39 -8.17
N GLU A 238 -18.57 -9.15 -7.72
CA GLU A 238 -18.55 -7.97 -8.59
C GLU A 238 -17.34 -7.15 -8.13
N SER A 239 -16.25 -7.19 -8.88
CA SER A 239 -15.06 -6.41 -8.59
C SER A 239 -14.10 -6.55 -9.76
N PRO A 240 -13.15 -5.62 -9.89
CA PRO A 240 -12.17 -5.73 -10.99
C PRO A 240 -10.99 -6.63 -10.66
N PHE A 241 -10.83 -7.02 -9.41
CA PHE A 241 -9.83 -7.98 -9.01
C PHE A 241 -10.29 -8.64 -7.71
N VAL A 242 -9.59 -9.69 -7.36
CA VAL A 242 -9.76 -10.26 -6.03
C VAL A 242 -8.37 -10.56 -5.52
N MET A 243 -8.24 -10.61 -4.20
CA MET A 243 -6.99 -10.91 -3.50
C MET A 243 -7.24 -12.06 -2.54
N MET A 244 -6.51 -13.14 -2.75
CA MET A 244 -6.64 -14.35 -1.98
C MET A 244 -5.35 -14.51 -1.18
N SER A 245 -5.47 -14.73 0.12
CA SER A 245 -4.33 -14.71 1.02
C SER A 245 -4.37 -15.91 1.96
N ALA A 246 -3.20 -16.36 2.41
CA ALA A 246 -3.11 -17.47 3.35
C ALA A 246 -1.74 -17.43 4.01
N PRO A 247 -1.60 -18.03 5.19
CA PRO A 247 -0.26 -18.22 5.74
C PRO A 247 0.66 -18.85 4.71
N PRO A 248 1.93 -18.44 4.67
CA PRO A 248 2.81 -18.91 3.59
C PRO A 248 2.86 -20.42 3.54
N ALA A 249 2.66 -20.95 2.34
CA ALA A 249 2.79 -22.38 2.15
C ALA A 249 3.31 -22.67 0.75
N GLN A 250 3.96 -23.82 0.60
CA GLN A 250 4.41 -24.23 -0.74
C GLN A 250 3.19 -24.26 -1.65
N TYR A 251 3.28 -23.58 -2.77
CA TYR A 251 2.18 -23.47 -3.71
C TYR A 251 2.73 -23.33 -5.12
N GLU A 252 2.03 -23.92 -6.07
CA GLU A 252 2.43 -23.92 -7.47
C GLU A 252 1.60 -22.88 -8.23
N LEU A 253 2.32 -21.97 -8.90
CA LEU A 253 1.72 -20.92 -9.71
C LEU A 253 1.87 -21.28 -11.17
N LYS A 254 0.75 -21.33 -11.90
CA LYS A 254 0.70 -21.73 -13.29
C LYS A 254 0.47 -20.51 -14.18
N HIS A 255 1.27 -20.41 -15.22
CA HIS A 255 1.19 -19.31 -16.18
C HIS A 255 -0.24 -19.14 -16.68
N GLY A 256 -0.73 -17.91 -16.69
CA GLY A 256 -2.03 -17.61 -17.26
C GLY A 256 -3.24 -17.82 -16.37
N THR A 257 -3.06 -18.24 -15.13
CA THR A 257 -4.15 -18.59 -14.23
C THR A 257 -4.30 -17.58 -13.10
N PHE A 258 -3.53 -16.49 -13.10
CA PHE A 258 -3.55 -15.46 -12.07
C PHE A 258 -2.84 -14.26 -12.64
N THR A 259 -2.90 -13.15 -11.89
CA THR A 259 -2.32 -11.90 -12.34
C THR A 259 -0.94 -11.76 -11.74
N CYS A 260 -0.85 -11.73 -10.41
CA CYS A 260 0.43 -11.61 -9.76
C CYS A 260 0.28 -12.16 -8.34
N ALA A 261 1.42 -12.34 -7.67
CA ALA A 261 1.42 -13.04 -6.38
C ALA A 261 2.60 -12.55 -5.56
N SER A 262 2.49 -12.77 -4.25
CA SER A 262 3.59 -12.48 -3.34
C SER A 262 4.12 -13.77 -2.75
N GLU A 263 5.44 -13.87 -2.69
N GLU A 263 5.44 -13.87 -2.69
CA GLU A 263 6.16 -15.04 -2.12
CA GLU A 263 6.17 -15.03 -2.13
C GLU A 263 6.93 -14.57 -0.88
C GLU A 263 6.93 -14.57 -0.88
N TYR A 264 6.81 -15.31 0.22
CA TYR A 264 7.46 -14.91 1.46
C TYR A 264 8.32 -16.06 1.93
N THR A 265 9.61 -15.80 2.13
CA THR A 265 10.56 -16.76 2.67
C THR A 265 11.08 -16.20 3.98
N GLY A 266 11.00 -17.03 5.02
CA GLY A 266 11.52 -16.63 6.31
C GLY A 266 10.58 -17.06 7.40
N ASN A 267 10.49 -16.26 8.46
CA ASN A 267 9.71 -16.58 9.64
C ASN A 267 8.97 -15.32 10.09
N TYR A 268 8.38 -15.41 11.27
N TYR A 268 8.36 -15.39 11.26
CA TYR A 268 7.49 -14.34 11.70
CA TYR A 268 7.47 -14.31 11.65
C TYR A 268 8.22 -13.06 12.10
C TYR A 268 8.19 -13.07 12.16
N GLN A 269 9.49 -13.16 12.47
CA GLN A 269 10.22 -12.00 12.96
C GLN A 269 11.09 -11.36 11.90
N CYS A 270 11.39 -12.08 10.82
CA CYS A 270 12.11 -11.49 9.69
C CYS A 270 12.07 -12.45 8.50
N GLY A 271 12.10 -11.87 7.31
CA GLY A 271 11.99 -12.69 6.12
C GLY A 271 12.08 -11.79 4.90
N HIS A 272 11.67 -12.34 3.76
CA HIS A 272 11.87 -11.62 2.51
C HIS A 272 10.74 -11.95 1.53
N TYR A 273 10.11 -10.90 0.99
CA TYR A 273 9.10 -11.02 -0.05
C TYR A 273 9.71 -10.94 -1.45
N LYS A 274 9.15 -11.71 -2.37
CA LYS A 274 9.34 -11.50 -3.81
C LYS A 274 7.99 -11.44 -4.50
N HIS A 275 8.01 -10.91 -5.72
CA HIS A 275 6.80 -10.69 -6.49
C HIS A 275 6.85 -11.58 -7.73
N ILE A 276 5.78 -12.31 -7.99
CA ILE A 276 5.67 -13.11 -9.22
C ILE A 276 4.56 -12.54 -10.10
N THR A 277 4.85 -12.28 -11.38
CA THR A 277 3.87 -11.71 -12.28
C THR A 277 3.73 -12.64 -13.50
N SER A 278 2.50 -12.88 -13.90
CA SER A 278 2.22 -13.79 -15.04
C SER A 278 1.99 -12.96 -16.30
N LYS A 279 3.00 -12.86 -17.15
CA LYS A 279 2.97 -12.10 -18.43
C LYS A 279 3.15 -13.14 -19.56
N GLU A 280 3.95 -12.93 -20.60
CA GLU A 280 4.14 -14.00 -21.63
C GLU A 280 4.63 -15.25 -20.90
N THR A 281 5.40 -15.07 -19.83
CA THR A 281 5.88 -16.20 -19.02
C THR A 281 5.79 -15.72 -17.58
N LEU A 282 6.26 -16.52 -16.62
CA LEU A 282 6.30 -16.08 -15.23
C LEU A 282 7.60 -15.34 -14.92
N TYR A 283 7.49 -14.09 -14.49
CA TYR A 283 8.63 -13.27 -14.08
C TYR A 283 8.61 -13.12 -12.56
N CYS A 284 9.74 -13.33 -11.93
CA CYS A 284 9.93 -13.07 -10.50
C CYS A 284 10.76 -11.79 -10.36
N ILE A 285 10.15 -10.74 -9.76
CA ILE A 285 10.78 -9.45 -9.54
C ILE A 285 11.10 -9.37 -8.07
N ASP A 286 12.39 -9.24 -7.75
CA ASP A 286 12.89 -9.20 -6.39
C ASP A 286 13.64 -7.87 -6.25
N GLY A 287 12.88 -6.81 -5.99
CA GLY A 287 13.39 -5.44 -6.05
C GLY A 287 13.89 -5.07 -7.45
N ALA A 288 15.20 -4.93 -7.61
CA ALA A 288 15.85 -4.62 -8.89
C ALA A 288 16.08 -5.87 -9.73
N LEU A 289 15.92 -7.05 -9.11
CA LEU A 289 16.36 -8.32 -9.69
C LEU A 289 15.20 -8.94 -10.44
N LEU A 290 15.51 -9.55 -11.58
CA LEU A 290 14.48 -10.15 -12.42
C LEU A 290 14.96 -11.53 -12.89
N THR A 291 14.12 -12.55 -12.75
CA THR A 291 14.36 -13.87 -13.31
C THR A 291 13.03 -14.33 -13.92
N LYS A 292 13.10 -15.42 -14.68
CA LYS A 292 11.92 -15.94 -15.37
C LYS A 292 11.91 -17.47 -15.24
N SER A 293 10.72 -18.04 -15.39
CA SER A 293 10.57 -19.49 -15.46
C SER A 293 9.22 -19.83 -16.09
N SER A 294 9.10 -21.08 -16.55
CA SER A 294 7.85 -21.58 -17.13
C SER A 294 6.87 -21.95 -16.04
N GLU A 295 7.35 -22.48 -14.93
CA GLU A 295 6.52 -22.87 -13.78
C GLU A 295 7.10 -22.28 -12.49
N TYR A 296 6.29 -22.07 -11.47
CA TYR A 296 6.81 -21.50 -10.19
CA TYR A 296 6.89 -21.46 -10.23
C TYR A 296 6.24 -22.27 -8.98
N LYS A 297 7.08 -22.68 -8.05
CA LYS A 297 6.62 -23.32 -6.80
C LYS A 297 7.37 -22.62 -5.68
N GLY A 298 6.70 -22.21 -4.65
CA GLY A 298 7.34 -21.50 -3.56
C GLY A 298 6.33 -21.15 -2.50
N PRO A 299 6.80 -20.56 -1.41
CA PRO A 299 5.92 -20.22 -0.29
C PRO A 299 5.13 -18.97 -0.62
N ILE A 300 3.99 -19.13 -1.22
CA ILE A 300 3.13 -18.03 -1.63
C ILE A 300 2.21 -17.61 -0.48
N THR A 301 1.95 -16.33 -0.36
CA THR A 301 1.10 -15.83 0.70
C THR A 301 -0.06 -14.97 0.20
N ASP A 302 0.05 -14.36 -0.98
CA ASP A 302 -1.03 -13.60 -1.60
C ASP A 302 -1.06 -13.88 -3.11
N VAL A 303 -2.26 -14.05 -3.67
CA VAL A 303 -2.42 -14.16 -5.12
C VAL A 303 -3.55 -13.24 -5.56
N PHE A 304 -3.32 -12.52 -6.65
CA PHE A 304 -4.30 -11.60 -7.21
C PHE A 304 -4.81 -12.11 -8.53
N TYR A 305 -6.11 -11.93 -8.77
CA TYR A 305 -6.77 -12.46 -9.93
C TYR A 305 -7.62 -11.36 -10.52
N LYS A 306 -7.76 -11.35 -11.83
CA LYS A 306 -8.69 -10.45 -12.48
C LYS A 306 -10.15 -10.91 -12.28
N GLU A 307 -11.09 -9.96 -12.31
CA GLU A 307 -12.49 -10.30 -12.15
C GLU A 307 -13.27 -9.17 -12.77
N ASN A 308 -14.48 -9.49 -13.23
N ASN A 308 -14.48 -9.49 -13.23
CA ASN A 308 -15.48 -8.47 -13.54
CA ASN A 308 -15.47 -8.47 -13.56
C ASN A 308 -16.80 -8.76 -12.85
C ASN A 308 -16.80 -8.75 -12.88
N SER A 309 -17.42 -9.90 -13.17
CA SER A 309 -18.66 -10.35 -12.55
C SER A 309 -18.65 -11.86 -12.61
N TYR A 310 -18.88 -12.49 -11.47
CA TYR A 310 -18.98 -13.94 -11.41
C TYR A 310 -20.22 -14.35 -10.64
N THR A 311 -20.96 -15.33 -11.16
CA THR A 311 -22.07 -15.95 -10.45
C THR A 311 -21.91 -17.46 -10.49
N THR A 312 -22.16 -18.08 -9.35
CA THR A 312 -21.95 -19.52 -9.22
C THR A 312 -23.03 -20.28 -9.96
N THR A 313 -22.71 -21.51 -10.31
CA THR A 313 -23.68 -22.48 -10.80
C THR A 313 -24.20 -23.41 -9.71
N ILE A 314 -23.49 -23.48 -8.62
CA ILE A 314 -23.89 -24.31 -7.44
C ILE A 314 -25.31 -23.95 -7.03
N LYS A 315 -26.13 -24.93 -6.68
CA LYS A 315 -27.51 -24.65 -6.24
C LYS A 315 -27.59 -24.93 -4.74
C1 A3X B . -1.42 16.19 11.18
N2 A3X B . -8.02 17.66 13.66
C3 A3X B . -3.62 16.21 10.22
C5 A3X B . -3.08 17.76 11.98
C6 A3X B . -5.32 17.92 10.88
C7 A3X B . -8.18 18.58 12.73
C9 A3X B . -1.10 18.53 13.98
N A3X B . -6.06 17.98 11.92
C A3X B . -1.79 17.21 12.07
O A3X B . -0.12 15.78 11.07
C2 A3X B . -2.34 15.68 10.28
C4 A3X B . -3.99 17.26 11.05
C8 A3X B . -5.74 18.43 9.55
N1 A3X B . -7.16 18.78 11.87
O1 A3X B . -0.81 17.58 12.95
S A3X B . -9.60 19.47 12.55
H4 A3X B . -7.20 17.09 13.79
H5 A3X B . -8.78 17.50 14.30
H1 A3X B . -4.33 15.81 9.51
H2 A3X B . -3.43 18.65 12.50
H10 A3X B . -0.21 18.94 14.44
H11 A3X B . -1.77 18.14 14.74
H12 A3X B . -1.62 19.33 13.43
H9 A3X B . -0.05 14.84 11.40
H A3X B . -2.05 14.86 9.63
H6 A3X B . -4.88 18.60 8.89
H7 A3X B . -6.26 19.38 9.61
H8 A3X B . -6.39 17.73 9.01
H3 A3X B . -7.30 19.55 11.21
C1 GOL C . -0.89 30.46 7.33
O1 GOL C . -0.29 29.31 7.96
C2 GOL C . -2.30 30.53 7.89
O2 GOL C . -2.96 29.32 7.70
C3 GOL C . -2.99 31.71 7.22
O3 GOL C . -3.48 31.22 6.01
H11 GOL C . -0.93 30.39 6.36
H12 GOL C . -0.41 31.28 7.52
HO1 GOL C . 0.52 29.27 7.62
H2 GOL C . -2.27 30.70 8.86
HO2 GOL C . -3.64 29.32 8.24
H31 GOL C . -2.36 32.44 7.12
H32 GOL C . -3.68 32.06 7.81
HO3 GOL C . -3.98 31.83 5.69
C1 GOL D . 14.51 8.52 10.49
O1 GOL D . 15.72 8.03 11.08
C2 GOL D . 14.78 9.99 10.08
O2 GOL D . 14.04 10.43 8.85
C3 GOL D . 14.39 10.82 11.37
O3 GOL D . 13.09 10.42 11.79
H11 GOL D . 13.76 8.48 11.10
H12 GOL D . 14.24 8.00 9.71
HO1 GOL D . 15.58 7.22 11.26
H2 GOL D . 15.71 10.10 9.83
HO2 GOL D . 13.21 10.25 9.08
H31 GOL D . 14.44 11.76 11.15
H32 GOL D . 15.07 10.67 12.04
HO3 GOL D . 12.96 10.76 12.53
C1 GOL E . -3.28 13.70 -10.96
O1 GOL E . -3.27 13.09 -9.68
C2 GOL E . -1.81 13.81 -11.42
O2 GOL E . -0.97 14.37 -10.43
C3 GOL E . -1.85 14.70 -12.70
O3 GOL E . -2.60 13.96 -13.67
H11 GOL E . -3.68 14.58 -10.95
H12 GOL E . -3.78 13.19 -11.62
HO1 GOL E . -4.08 13.05 -9.44
H2 GOL E . -1.44 12.94 -11.60
HO2 GOL E . -0.24 14.59 -10.80
H31 GOL E . -2.25 15.55 -12.48
H32 GOL E . -0.95 14.89 -12.98
HO3 GOL E . -2.68 14.46 -14.33
C1 GOL F . 23.75 26.25 1.43
O1 GOL F . 23.62 24.85 1.66
C2 GOL F . 23.92 26.84 2.80
O2 GOL F . 22.69 26.56 3.43
C3 GOL F . 24.29 28.31 2.85
O3 GOL F . 23.27 29.18 2.38
H11 GOL F . 24.63 26.47 0.81
H12 GOL F . 22.86 26.66 0.94
HO1 GOL F . 23.51 24.41 0.82
H2 GOL F . 24.71 26.28 3.31
HO2 GOL F . 22.75 26.82 4.37
H31 GOL F . 25.20 28.47 2.24
H32 GOL F . 24.55 28.59 3.88
HO3 GOL F . 23.57 30.10 2.44
C1 GOL G . 2.75 29.67 10.92
O1 GOL G . 3.11 29.62 12.28
C2 GOL G . 2.59 28.21 10.43
O2 GOL G . 3.32 27.26 11.21
C3 GOL G . 3.09 28.21 8.97
O3 GOL G . 1.94 28.29 8.09
H11 GOL G . 3.41 30.11 10.36
H12 GOL G . 1.92 30.15 10.76
HO1 GOL G . 3.26 30.40 12.51
H2 GOL G . 1.66 27.94 10.51
HO2 GOL G . 3.43 26.58 10.75
H31 GOL G . 3.71 28.95 8.85
H32 GOL G . 3.62 27.41 8.82
HO3 GOL G . 2.20 28.16 7.32
ZN ZN H . -22.77 -26.32 13.01
CL CL I . -5.30 7.00 -8.00
CL CL J . 10.33 -22.37 -8.61
CL CL K . 17.68 5.11 3.92
P PO4 L . -11.03 7.72 2.09
O1 PO4 L . -11.33 6.46 1.23
O2 PO4 L . -11.77 8.92 1.52
O3 PO4 L . -9.55 7.97 2.15
O4 PO4 L . -11.57 7.53 3.50
P PO4 M . -6.34 17.66 17.83
O1 PO4 M . -6.28 16.28 18.47
O2 PO4 M . -6.06 17.52 16.35
O3 PO4 M . -5.24 18.51 18.43
O4 PO4 M . -7.71 18.30 18.05
P PO4 N . 2.19 -22.65 -20.23
O1 PO4 N . 2.34 -23.37 -21.55
O2 PO4 N . 2.45 -23.61 -19.08
O3 PO4 N . 3.19 -21.51 -20.16
O4 PO4 N . 0.80 -22.07 -20.14
#